data_9AUU
#
_entry.id   9AUU
#
_cell.length_a   66.878
_cell.length_b   91.817
_cell.length_c   98.481
_cell.angle_alpha   90.000
_cell.angle_beta   90.000
_cell.angle_gamma   90.000
#
_symmetry.space_group_name_H-M   'I 2 2 2'
#
loop_
_entity.id
_entity.type
_entity.pdbx_description
1 polymer 'Heat shock protein HSP 90-alpha'
2 non-polymer 3-{[(3R)-3-({6-amino-8-[(6-iodo-2H-1,3-benzodioxol-5-yl)sulfanyl]-9H-purin-9-yl}methyl)piperidin-1-yl]methyl}-6-fluoro-2-hydroxybenzaldehyde
3 non-polymer 'MAGNESIUM ION'
4 water water
#
_entity_poly.entity_id   1
_entity_poly.type   'polypeptide(L)'
_entity_poly.pdbx_seq_one_letter_code
;GPEETQTQDQPMEEEEVETFAFQAEIAQLMSLIINTFYSNKEIFLRELISNSSDALDKIRYESLTDPSKLDSGKELHINL
IPNKQDRTLTIVDTGIGMTKADLINNLGTIAKSGTKAFMEALQAGADISMIGQFGVGFYSAYLVAEKVTVITKHNDDEQY
AWESSAGGSFTVRTDTGEPMGRGTKVILHLKEDQTEYLEERRIKEIVKKHSQFIGYPITLFVEKERDKEVSDDEAE
;
_entity_poly.pdbx_strand_id   A
#
loop_
_chem_comp.id
_chem_comp.type
_chem_comp.name
_chem_comp.formula
A1AG2 non-polymer 3-{[(3R)-3-({6-amino-8-[(6-iodo-2H-1,3-benzodioxol-5-yl)sulfanyl]-9H-purin-9-yl}methyl)piperidin-1-yl]methyl}-6-fluoro-2-hydroxybenzaldehyde 'C26 H24 F I N6 O4 S'
MG non-polymer 'MAGNESIUM ION' 'Mg 2'
#
# COMPACT_ATOMS: atom_id res chain seq x y z
N GLU A 16 19.91 -5.43 -11.35
CA GLU A 16 20.44 -4.15 -10.89
C GLU A 16 19.47 -3.48 -9.91
N VAL A 17 19.85 -3.38 -8.65
CA VAL A 17 19.01 -2.85 -7.58
C VAL A 17 19.55 -1.47 -7.20
N GLU A 18 18.68 -0.45 -7.27
CA GLU A 18 19.07 0.90 -6.87
C GLU A 18 18.56 1.20 -5.47
N THR A 19 19.39 1.85 -4.65
CA THR A 19 19.04 2.17 -3.27
C THR A 19 18.87 3.68 -3.10
N PHE A 20 17.77 4.09 -2.49
CA PHE A 20 17.42 5.50 -2.32
C PHE A 20 17.20 5.81 -0.86
N ALA A 21 17.54 7.04 -0.46
CA ALA A 21 17.20 7.55 0.85
C ALA A 21 15.79 8.12 0.84
N PHE A 22 14.98 7.76 1.83
CA PHE A 22 13.73 8.49 2.05
C PHE A 22 14.07 9.93 2.36
N GLN A 23 13.18 10.85 1.98
CA GLN A 23 13.26 12.18 2.56
C GLN A 23 13.17 12.06 4.07
N ALA A 24 13.90 12.95 4.75
CA ALA A 24 13.94 12.92 6.21
C ALA A 24 12.55 12.83 6.82
N GLU A 25 11.62 13.64 6.31
CA GLU A 25 10.28 13.71 6.91
C GLU A 25 9.56 12.37 6.80
N ILE A 26 9.76 11.65 5.69
CA ILE A 26 9.13 10.34 5.54
C ILE A 26 9.78 9.32 6.46
N ALA A 27 11.11 9.30 6.50
CA ALA A 27 11.81 8.44 7.46
C ALA A 27 11.32 8.67 8.89
N GLN A 28 11.08 9.94 9.26
CA GLN A 28 10.55 10.23 10.60
C GLN A 28 9.18 9.61 10.81
N LEU A 29 8.29 9.78 9.82
CA LEU A 29 6.96 9.18 9.89
C LEU A 29 7.06 7.68 10.11
N MET A 30 7.89 7.01 9.32
CA MET A 30 8.02 5.57 9.45
C MET A 30 8.53 5.19 10.82
N SER A 31 9.44 5.98 11.39
CA SER A 31 9.94 5.69 12.74
C SER A 31 8.84 5.88 13.78
N LEU A 32 8.05 6.94 13.66
CA LEU A 32 6.93 7.13 14.56
C LEU A 32 6.01 5.91 14.55
N ILE A 33 5.60 5.48 13.36
CA ILE A 33 4.69 4.35 13.24
C ILE A 33 5.30 3.11 13.89
N ILE A 34 6.60 2.88 13.69
CA ILE A 34 7.21 1.67 14.21
C ILE A 34 7.41 1.75 15.71
N ASN A 35 7.64 2.92 16.28
CA ASN A 35 8.06 3.00 17.67
C ASN A 35 6.93 3.37 18.64
N THR A 36 5.89 4.04 18.18
CA THR A 36 4.82 4.46 19.07
C THR A 36 4.05 3.23 19.57
N PHE A 37 3.78 3.19 20.87
CA PHE A 37 2.89 2.17 21.40
C PHE A 37 1.47 2.46 20.94
N TYR A 38 0.89 1.52 20.18
CA TYR A 38 -0.44 1.71 19.59
C TYR A 38 -1.02 0.33 19.32
N SER A 39 -2.01 -0.08 20.13
CA SER A 39 -2.48 -1.46 20.05
C SER A 39 -3.39 -1.72 18.86
N ASN A 40 -4.07 -0.69 18.35
CA ASN A 40 -5.07 -0.85 17.29
C ASN A 40 -4.40 -0.95 15.92
N LYS A 41 -3.54 -1.96 15.78
CA LYS A 41 -2.76 -2.12 14.56
C LYS A 41 -3.61 -2.48 13.33
N GLU A 42 -4.83 -3.00 13.54
CA GLU A 42 -5.63 -3.52 12.42
C GLU A 42 -6.01 -2.47 11.40
N ILE A 43 -5.89 -1.18 11.72
CA ILE A 43 -6.27 -0.15 10.75
C ILE A 43 -5.42 -0.15 9.50
N PHE A 44 -4.30 -0.88 9.50
CA PHE A 44 -3.45 -0.89 8.31
C PHE A 44 -4.22 -1.40 7.09
N LEU A 45 -5.13 -2.35 7.30
CA LEU A 45 -5.77 -3.00 6.16
C LEU A 45 -6.74 -2.06 5.48
N ARG A 46 -7.55 -1.31 6.26
CA ARG A 46 -8.46 -0.34 5.66
C ARG A 46 -7.70 0.71 4.84
N GLU A 47 -6.50 1.10 5.30
CA GLU A 47 -5.73 2.13 4.59
C GLU A 47 -5.22 1.61 3.26
N LEU A 48 -4.75 0.36 3.22
CA LEU A 48 -4.30 -0.22 1.97
C LEU A 48 -5.46 -0.48 1.01
N ILE A 49 -6.59 -0.97 1.53
CA ILE A 49 -7.75 -1.19 0.66
C ILE A 49 -8.27 0.14 0.13
N SER A 50 -8.28 1.17 0.97
CA SER A 50 -8.62 2.51 0.52
C SER A 50 -7.73 2.98 -0.60
N ASN A 51 -6.41 2.80 -0.43
CA ASN A 51 -5.45 3.16 -1.48
C ASN A 51 -5.75 2.41 -2.78
N SER A 52 -6.09 1.12 -2.66
CA SER A 52 -6.46 0.36 -3.86
C SER A 52 -7.70 0.95 -4.51
N SER A 53 -8.73 1.23 -3.71
CA SER A 53 -9.97 1.79 -4.26
C SER A 53 -9.70 3.09 -5.00
N ASP A 54 -8.85 3.96 -4.44
CA ASP A 54 -8.55 5.23 -5.09
C ASP A 54 -7.85 5.01 -6.42
N ALA A 55 -6.89 4.07 -6.45
CA ALA A 55 -6.19 3.73 -7.69
C ALA A 55 -7.13 3.20 -8.75
N LEU A 56 -8.15 2.44 -8.33
CA LEU A 56 -9.14 1.93 -9.27
C LEU A 56 -10.03 3.06 -9.79
N ASP A 57 -10.48 3.97 -8.89
CA ASP A 57 -11.18 5.17 -9.34
C ASP A 57 -10.36 5.90 -10.40
N LYS A 58 -9.05 5.99 -10.17
CA LYS A 58 -8.18 6.80 -11.02
C LYS A 58 -8.07 6.22 -12.42
N ILE A 59 -7.87 4.91 -12.54
CA ILE A 59 -7.81 4.35 -13.87
C ILE A 59 -9.18 4.45 -14.52
N ARG A 60 -10.25 4.41 -13.72
CA ARG A 60 -11.58 4.46 -14.31
C ARG A 60 -11.86 5.82 -14.92
N TYR A 61 -11.50 6.90 -14.23
CA TYR A 61 -11.83 8.21 -14.80
C TYR A 61 -10.81 8.62 -15.87
N GLU A 62 -9.55 8.18 -15.75
CA GLU A 62 -8.61 8.48 -16.81
C GLU A 62 -9.03 7.80 -18.12
N SER A 63 -9.64 6.63 -18.02
CA SER A 63 -9.99 5.89 -19.22
C SER A 63 -11.29 6.38 -19.86
N LEU A 64 -11.93 7.39 -19.29
CA LEU A 64 -13.11 7.98 -19.93
C LEU A 64 -12.70 8.84 -21.12
N THR A 65 -11.60 9.57 -21.00
CA THR A 65 -11.07 10.37 -22.09
C THR A 65 -9.91 9.68 -22.79
N ASP A 66 -9.71 8.39 -22.56
CA ASP A 66 -8.73 7.58 -23.27
C ASP A 66 -9.04 6.11 -23.03
N PRO A 67 -10.00 5.53 -23.78
CA PRO A 67 -10.33 4.12 -23.56
C PRO A 67 -9.14 3.19 -23.68
N SER A 68 -8.12 3.58 -24.45
CA SER A 68 -6.96 2.73 -24.68
C SER A 68 -6.19 2.42 -23.40
N LYS A 69 -6.40 3.20 -22.33
CA LYS A 69 -5.74 2.92 -21.05
C LYS A 69 -6.22 1.61 -20.43
N LEU A 70 -7.35 1.07 -20.90
CA LEU A 70 -7.88 -0.19 -20.38
C LEU A 70 -7.43 -1.40 -21.19
N ASP A 71 -6.59 -1.21 -22.22
CA ASP A 71 -6.04 -2.35 -22.95
C ASP A 71 -5.20 -3.27 -22.06
N SER A 72 -4.69 -2.76 -20.95
CA SER A 72 -3.91 -3.54 -20.00
C SER A 72 -4.78 -4.34 -19.04
N GLY A 73 -6.11 -4.31 -19.22
CA GLY A 73 -7.00 -5.01 -18.32
C GLY A 73 -8.25 -4.21 -17.97
N LYS A 74 -9.41 -4.80 -18.19
CA LYS A 74 -10.67 -4.10 -17.94
C LYS A 74 -11.23 -4.33 -16.55
N GLU A 75 -10.86 -5.44 -15.90
CA GLU A 75 -11.43 -5.76 -14.61
C GLU A 75 -10.83 -4.89 -13.51
N LEU A 76 -11.71 -4.40 -12.62
CA LEU A 76 -11.34 -3.47 -11.55
C LEU A 76 -11.74 -4.11 -10.22
N HIS A 77 -10.77 -4.65 -9.48
CA HIS A 77 -11.10 -5.41 -8.28
C HIS A 77 -9.87 -5.46 -7.38
N ILE A 78 -10.06 -6.08 -6.21
CA ILE A 78 -9.06 -6.14 -5.14
C ILE A 78 -9.01 -7.57 -4.62
N ASN A 79 -7.80 -8.13 -4.50
CA ASN A 79 -7.64 -9.45 -3.90
C ASN A 79 -6.81 -9.32 -2.64
N LEU A 80 -7.23 -10.02 -1.59
CA LEU A 80 -6.47 -10.18 -0.36
C LEU A 80 -5.99 -11.62 -0.28
N ILE A 81 -4.68 -11.82 -0.26
CA ILE A 81 -4.06 -13.13 -0.42
C ILE A 81 -3.14 -13.39 0.77
N PRO A 82 -3.56 -14.23 1.72
CA PRO A 82 -2.65 -14.61 2.81
C PRO A 82 -1.87 -15.88 2.47
N ASN A 83 -0.61 -15.92 2.92
CA ASN A 83 0.25 -17.08 2.69
C ASN A 83 1.01 -17.36 3.99
N LYS A 84 0.55 -18.36 4.73
CA LYS A 84 1.19 -18.69 6.00
C LYS A 84 2.61 -19.21 5.79
N GLN A 85 2.84 -19.95 4.70
CA GLN A 85 4.17 -20.47 4.43
C GLN A 85 5.19 -19.33 4.29
N ASP A 86 4.86 -18.30 3.51
CA ASP A 86 5.72 -17.13 3.35
C ASP A 86 5.55 -16.10 4.44
N ARG A 87 4.51 -16.22 5.27
CA ARG A 87 4.15 -15.21 6.24
C ARG A 87 3.93 -13.84 5.57
N THR A 88 3.19 -13.84 4.47
CA THR A 88 2.84 -12.59 3.79
C THR A 88 1.33 -12.40 3.69
N LEU A 89 0.91 -11.14 3.69
CA LEU A 89 -0.43 -10.75 3.28
C LEU A 89 -0.28 -9.79 2.12
N THR A 90 -0.86 -10.14 0.97
CA THR A 90 -0.75 -9.33 -0.24
C THR A 90 -2.09 -8.68 -0.55
N ILE A 91 -2.06 -7.37 -0.77
CA ILE A 91 -3.22 -6.60 -1.24
C ILE A 91 -2.96 -6.29 -2.71
N VAL A 92 -3.74 -6.91 -3.59
CA VAL A 92 -3.58 -6.77 -5.04
C VAL A 92 -4.74 -5.94 -5.56
N ASP A 93 -4.43 -4.97 -6.44
CA ASP A 93 -5.46 -4.28 -7.20
C ASP A 93 -5.08 -4.22 -8.66
N THR A 94 -6.07 -3.96 -9.51
CA THR A 94 -5.88 -3.65 -10.93
C THR A 94 -6.09 -2.17 -11.21
N GLY A 95 -5.64 -1.32 -10.31
CA GLY A 95 -5.77 0.12 -10.44
C GLY A 95 -4.77 0.71 -11.41
N ILE A 96 -4.51 2.02 -11.22
CA ILE A 96 -3.69 2.78 -12.13
C ILE A 96 -2.23 2.36 -12.06
N GLY A 97 -1.79 1.84 -10.92
CA GLY A 97 -0.39 1.49 -10.77
C GLY A 97 0.47 2.75 -10.64
N MET A 98 1.79 2.53 -10.59
CA MET A 98 2.73 3.60 -10.28
C MET A 98 3.92 3.53 -11.22
N THR A 99 4.37 4.68 -11.72
CA THR A 99 5.56 4.75 -12.57
C THR A 99 6.83 4.71 -11.73
N LYS A 100 7.95 4.51 -12.41
CA LYS A 100 9.23 4.60 -11.71
C LYS A 100 9.44 6.02 -11.19
N ALA A 101 9.03 7.02 -11.98
CA ALA A 101 9.13 8.41 -11.53
C ALA A 101 8.28 8.65 -10.28
N ASP A 102 7.11 8.03 -10.21
CA ASP A 102 6.32 8.02 -8.97
C ASP A 102 7.14 7.47 -7.81
N LEU A 103 7.68 6.25 -7.99
CA LEU A 103 8.28 5.51 -6.87
C LEU A 103 9.47 6.26 -6.28
N ILE A 104 10.25 6.93 -7.12
CA ILE A 104 11.46 7.61 -6.69
C ILE A 104 11.20 9.04 -6.22
N ASN A 105 10.34 9.79 -6.93
CA ASN A 105 10.22 11.23 -6.71
C ASN A 105 8.80 11.68 -6.38
N ASN A 106 7.80 11.36 -7.22
CA ASN A 106 6.51 12.06 -7.10
C ASN A 106 5.79 11.67 -5.83
N LEU A 107 5.87 10.39 -5.43
CA LEU A 107 5.21 9.96 -4.21
C LEU A 107 5.75 10.71 -3.00
N GLY A 108 7.08 10.82 -2.89
CA GLY A 108 7.66 11.55 -1.76
C GLY A 108 7.37 13.04 -1.80
N THR A 109 7.22 13.60 -2.99
CA THR A 109 6.88 15.01 -3.12
C THR A 109 5.51 15.29 -2.53
N ILE A 110 4.51 14.48 -2.90
CA ILE A 110 3.17 14.65 -2.35
C ILE A 110 3.14 14.26 -0.87
N ALA A 111 3.84 13.17 -0.51
CA ALA A 111 3.74 12.68 0.87
C ALA A 111 4.37 13.63 1.88
N LYS A 112 5.29 14.48 1.44
CA LYS A 112 5.98 15.35 2.39
C LYS A 112 5.00 16.34 3.05
N SER A 113 4.11 16.93 2.27
CA SER A 113 3.14 17.85 2.85
C SER A 113 2.15 17.10 3.76
N GLY A 114 1.58 15.99 3.28
CA GLY A 114 0.63 15.25 4.09
C GLY A 114 1.23 14.70 5.36
N THR A 115 2.53 14.37 5.34
CA THR A 115 3.22 13.92 6.55
C THR A 115 3.30 15.04 7.59
N LYS A 116 3.51 16.28 7.15
CA LYS A 116 3.65 17.36 8.11
C LYS A 116 2.33 17.70 8.77
N ALA A 117 1.24 17.69 8.00
CA ALA A 117 -0.11 17.85 8.59
C ALA A 117 -0.41 16.76 9.59
N PHE A 118 -0.10 15.51 9.25
CA PHE A 118 -0.42 14.39 10.13
C PHE A 118 0.31 14.50 11.45
N MET A 119 1.58 14.92 11.43
CA MET A 119 2.32 15.06 12.67
C MET A 119 1.97 16.36 13.38
N GLU A 120 1.46 17.34 12.64
CA GLU A 120 0.80 18.48 13.29
C GLU A 120 -0.34 18.01 14.16
N ALA A 121 -1.26 17.24 13.57
CA ALA A 121 -2.45 16.83 14.31
C ALA A 121 -2.11 15.84 15.42
N LEU A 122 -1.11 14.98 15.23
CA LEU A 122 -0.77 14.00 16.26
C LEU A 122 -0.48 14.68 17.60
N GLN A 123 0.09 15.88 17.60
CA GLN A 123 0.18 16.66 18.83
C GLN A 123 -1.02 17.58 19.05
N ALA A 124 -1.79 17.88 17.98
CA ALA A 124 -2.88 18.86 18.07
C ALA A 124 -4.26 18.27 17.80
N GLY A 125 -4.58 17.13 18.41
CA GLY A 125 -5.93 16.59 18.35
C GLY A 125 -6.13 15.37 17.46
N ALA A 126 -5.26 14.36 17.56
CA ALA A 126 -5.37 13.22 16.66
C ALA A 126 -4.60 12.01 17.17
N ASP A 127 -4.94 10.85 16.62
CA ASP A 127 -4.22 9.61 16.85
C ASP A 127 -3.92 8.97 15.50
N ILE A 128 -3.16 7.86 15.55
CA ILE A 128 -2.64 7.22 14.34
C ILE A 128 -3.76 6.89 13.35
N SER A 129 -4.97 6.59 13.86
CA SER A 129 -6.04 6.06 13.02
C SER A 129 -6.53 7.06 11.97
N MET A 130 -6.18 8.35 12.06
CA MET A 130 -6.58 9.26 10.98
C MET A 130 -5.49 9.48 9.94
N ILE A 131 -4.43 8.67 9.93
CA ILE A 131 -3.34 8.83 8.98
C ILE A 131 -3.84 8.92 7.53
N GLY A 132 -4.94 8.24 7.21
CA GLY A 132 -5.44 8.23 5.86
C GLY A 132 -5.99 9.56 5.39
N GLN A 133 -6.46 10.40 6.32
CA GLN A 133 -6.96 11.70 5.90
C GLN A 133 -5.87 12.61 5.37
N PHE A 134 -4.61 12.21 5.46
CA PHE A 134 -3.51 13.04 5.01
C PHE A 134 -2.72 12.38 3.88
N GLY A 135 -3.27 11.34 3.26
CA GLY A 135 -2.69 10.76 2.08
C GLY A 135 -1.47 9.87 2.30
N VAL A 136 -1.11 9.57 3.54
CA VAL A 136 0.07 8.75 3.79
C VAL A 136 -0.30 7.49 4.57
N GLY A 137 -1.52 6.99 4.39
CA GLY A 137 -1.93 5.79 5.09
C GLY A 137 -1.13 4.55 4.73
N PHE A 138 -0.50 4.54 3.55
CA PHE A 138 0.35 3.40 3.16
C PHE A 138 1.35 3.04 4.25
N TYR A 139 1.97 4.06 4.87
CA TYR A 139 3.01 3.76 5.85
C TYR A 139 2.47 3.11 7.10
N SER A 140 1.15 3.08 7.29
CA SER A 140 0.59 2.28 8.38
C SER A 140 0.88 0.80 8.21
N ALA A 141 1.33 0.37 7.03
CA ALA A 141 1.73 -1.02 6.83
C ALA A 141 2.80 -1.43 7.82
N TYR A 142 3.63 -0.49 8.28
CA TYR A 142 4.72 -0.84 9.19
C TYR A 142 4.28 -0.99 10.63
N LEU A 143 2.98 -0.83 10.90
CA LEU A 143 2.43 -1.33 12.16
C LEU A 143 2.59 -2.83 12.27
N VAL A 144 2.50 -3.55 11.14
CA VAL A 144 2.41 -5.01 11.21
C VAL A 144 3.46 -5.72 10.37
N ALA A 145 4.12 -4.98 9.47
CA ALA A 145 5.09 -5.56 8.54
C ALA A 145 6.50 -5.12 8.91
N GLU A 146 7.43 -6.08 8.93
CA GLU A 146 8.83 -5.77 9.10
C GLU A 146 9.48 -5.35 7.78
N LYS A 147 8.92 -5.78 6.67
CA LYS A 147 9.36 -5.40 5.33
C LYS A 147 8.13 -5.30 4.45
N VAL A 148 8.14 -4.33 3.53
CA VAL A 148 7.05 -4.16 2.58
C VAL A 148 7.63 -4.19 1.18
N THR A 149 7.07 -5.06 0.34
CA THR A 149 7.44 -5.13 -1.08
C THR A 149 6.23 -4.73 -1.91
N VAL A 150 6.44 -3.83 -2.86
CA VAL A 150 5.37 -3.31 -3.70
C VAL A 150 5.73 -3.57 -5.15
N ILE A 151 4.91 -4.39 -5.82
CA ILE A 151 5.04 -4.67 -7.24
C ILE A 151 4.00 -3.83 -7.97
N THR A 152 4.43 -3.09 -8.99
CA THR A 152 3.50 -2.14 -9.57
C THR A 152 3.77 -2.02 -11.06
N LYS A 153 2.71 -1.85 -11.83
CA LYS A 153 2.78 -1.68 -13.28
C LYS A 153 1.80 -0.61 -13.72
N HIS A 154 2.31 0.45 -14.33
CA HIS A 154 1.55 1.56 -14.89
C HIS A 154 1.63 1.47 -16.41
N ASN A 155 0.58 1.93 -17.10
CA ASN A 155 0.63 2.02 -18.55
C ASN A 155 1.82 2.87 -18.98
N ASP A 156 2.42 2.50 -20.11
CA ASP A 156 3.54 3.22 -20.72
C ASP A 156 4.80 3.20 -19.85
N ASP A 157 4.87 2.34 -18.84
CA ASP A 157 6.07 2.16 -18.04
C ASP A 157 6.19 0.67 -17.76
N GLU A 158 7.34 0.28 -17.24
CA GLU A 158 7.59 -1.13 -16.98
C GLU A 158 7.13 -1.51 -15.57
N GLN A 159 7.23 -2.80 -15.25
CA GLN A 159 6.85 -3.32 -13.96
C GLN A 159 8.04 -3.17 -13.02
N TYR A 160 7.79 -2.65 -11.81
CA TYR A 160 8.87 -2.42 -10.86
C TYR A 160 8.56 -3.10 -9.53
N ALA A 161 9.63 -3.40 -8.80
CA ALA A 161 9.56 -3.86 -7.43
C ALA A 161 10.24 -2.82 -6.56
N TRP A 162 9.47 -2.24 -5.64
CA TRP A 162 9.92 -1.32 -4.61
C TRP A 162 9.97 -2.09 -3.31
N GLU A 163 10.95 -1.80 -2.46
CA GLU A 163 11.06 -2.58 -1.23
C GLU A 163 11.65 -1.72 -0.14
N SER A 164 11.15 -1.88 1.08
CA SER A 164 11.78 -1.20 2.21
C SER A 164 11.48 -1.93 3.50
N SER A 165 12.52 -2.12 4.33
CA SER A 165 12.36 -2.46 5.73
C SER A 165 12.61 -1.26 6.63
N ALA A 166 12.25 -0.07 6.17
CA ALA A 166 12.45 1.19 6.90
C ALA A 166 13.95 1.36 7.12
N GLY A 167 14.37 1.95 8.24
CA GLY A 167 15.77 2.25 8.39
C GLY A 167 16.29 3.36 7.49
N GLY A 168 15.41 4.09 6.82
CA GLY A 168 15.80 5.27 6.08
C GLY A 168 16.03 5.06 4.61
N SER A 169 15.88 3.85 4.09
CA SER A 169 16.16 3.63 2.69
C SER A 169 15.12 2.69 2.07
N PHE A 170 15.04 2.75 0.73
CA PHE A 170 14.23 1.83 -0.04
C PHE A 170 14.97 1.47 -1.33
N THR A 171 14.55 0.37 -1.96
CA THR A 171 15.15 -0.05 -3.22
C THR A 171 14.08 -0.14 -4.30
N VAL A 172 14.51 0.12 -5.54
CA VAL A 172 13.70 -0.08 -6.74
C VAL A 172 14.49 -0.95 -7.72
N ARG A 173 13.81 -1.92 -8.32
CA ARG A 173 14.38 -2.68 -9.42
C ARG A 173 13.28 -2.97 -10.43
N THR A 174 13.68 -3.23 -11.66
CA THR A 174 12.75 -3.79 -12.64
C THR A 174 12.33 -5.18 -12.21
N ASP A 175 11.02 -5.45 -12.21
CA ASP A 175 10.52 -6.76 -11.79
C ASP A 175 10.54 -7.73 -12.95
N THR A 176 11.22 -8.86 -12.77
CA THR A 176 11.21 -9.96 -13.74
C THR A 176 10.23 -11.07 -13.36
N GLY A 177 9.53 -10.95 -12.24
CA GLY A 177 8.55 -11.95 -11.85
C GLY A 177 7.33 -12.00 -12.75
N GLU A 178 6.23 -12.50 -12.23
CA GLU A 178 5.00 -12.70 -13.00
C GLU A 178 4.45 -11.36 -13.50
N PRO A 179 4.35 -11.14 -14.80
CA PRO A 179 3.86 -9.84 -15.32
C PRO A 179 2.39 -9.62 -14.99
N MET A 180 2.06 -8.35 -14.67
CA MET A 180 0.78 -7.99 -14.04
C MET A 180 -0.22 -7.31 -14.95
N GLY A 181 0.16 -6.85 -16.13
CA GLY A 181 -0.80 -6.14 -16.95
C GLY A 181 -0.97 -4.69 -16.54
N ARG A 182 -1.53 -4.46 -15.33
CA ARG A 182 -1.68 -3.14 -14.75
C ARG A 182 -2.18 -3.26 -13.31
N GLY A 183 -1.58 -2.53 -12.38
CA GLY A 183 -2.04 -2.55 -11.01
C GLY A 183 -0.89 -2.53 -10.03
N THR A 184 -1.20 -2.89 -8.78
CA THR A 184 -0.24 -2.83 -7.69
C THR A 184 -0.45 -4.01 -6.76
N LYS A 185 0.65 -4.60 -6.28
CA LYS A 185 0.61 -5.60 -5.23
C LYS A 185 1.43 -5.05 -4.07
N VAL A 186 0.80 -4.91 -2.91
CA VAL A 186 1.52 -4.61 -1.67
C VAL A 186 1.68 -5.91 -0.90
N ILE A 187 2.92 -6.36 -0.76
CA ILE A 187 3.26 -7.61 -0.07
C ILE A 187 3.75 -7.25 1.32
N LEU A 188 2.97 -7.59 2.35
CA LEU A 188 3.33 -7.32 3.74
C LEU A 188 4.05 -8.54 4.30
N HIS A 189 5.35 -8.41 4.59
CA HIS A 189 6.11 -9.46 5.29
C HIS A 189 5.88 -9.21 6.78
N LEU A 190 4.99 -9.99 7.37
CA LEU A 190 4.48 -9.69 8.69
C LEU A 190 5.53 -9.94 9.76
N LYS A 191 5.53 -9.09 10.78
CA LYS A 191 6.31 -9.35 11.98
C LYS A 191 5.88 -10.66 12.63
N GLU A 192 6.81 -11.23 13.42
CA GLU A 192 6.61 -12.53 14.04
C GLU A 192 5.31 -12.61 14.84
N ASP A 193 5.02 -11.58 15.62
CA ASP A 193 3.87 -11.57 16.51
C ASP A 193 2.59 -11.03 15.85
N GLN A 194 2.55 -10.93 14.52
CA GLN A 194 1.41 -10.36 13.82
C GLN A 194 0.78 -11.33 12.82
N THR A 195 0.97 -12.64 13.03
CA THR A 195 0.41 -13.60 12.08
C THR A 195 -1.10 -13.71 12.16
N GLU A 196 -1.75 -13.05 13.13
CA GLU A 196 -3.20 -13.09 13.17
C GLU A 196 -3.81 -12.57 11.88
N TYR A 197 -3.10 -11.68 11.17
CA TYR A 197 -3.62 -11.10 9.93
C TYR A 197 -3.46 -12.04 8.74
N LEU A 198 -3.05 -13.28 8.99
CA LEU A 198 -3.12 -14.36 8.02
C LEU A 198 -4.38 -15.20 8.19
N GLU A 199 -5.10 -15.01 9.28
CA GLU A 199 -6.24 -15.85 9.61
C GLU A 199 -7.49 -15.32 8.94
N GLU A 200 -8.28 -16.24 8.37
CA GLU A 200 -9.44 -15.83 7.60
C GLU A 200 -10.47 -15.09 8.45
N ARG A 201 -10.78 -15.62 9.64
CA ARG A 201 -11.77 -14.98 10.48
C ARG A 201 -11.36 -13.57 10.82
N ARG A 202 -10.06 -13.36 11.06
CA ARG A 202 -9.57 -12.04 11.45
C ARG A 202 -9.65 -11.07 10.27
N ILE A 203 -9.19 -11.48 9.09
CA ILE A 203 -9.27 -10.61 7.94
C ILE A 203 -10.71 -10.26 7.63
N LYS A 204 -11.60 -11.26 7.67
CA LYS A 204 -13.02 -11.03 7.42
C LYS A 204 -13.58 -10.01 8.38
N GLU A 205 -13.32 -10.22 9.68
CA GLU A 205 -13.80 -9.29 10.70
C GLU A 205 -13.38 -7.86 10.38
N ILE A 206 -12.11 -7.68 10.00
CA ILE A 206 -11.55 -6.35 9.78
C ILE A 206 -12.16 -5.71 8.54
N VAL A 207 -12.33 -6.49 7.47
CA VAL A 207 -12.92 -5.94 6.26
C VAL A 207 -14.37 -5.53 6.51
N LYS A 208 -15.11 -6.35 7.26
CA LYS A 208 -16.50 -6.03 7.57
C LYS A 208 -16.59 -4.76 8.42
N LYS A 209 -15.69 -4.62 9.39
CA LYS A 209 -15.74 -3.48 10.32
C LYS A 209 -15.41 -2.17 9.61
N HIS A 210 -14.35 -2.17 8.79
CA HIS A 210 -13.79 -0.91 8.28
C HIS A 210 -13.83 -0.73 6.77
N SER A 211 -14.16 -1.76 6.00
CA SER A 211 -14.09 -1.64 4.54
C SER A 211 -15.33 -2.20 3.87
N GLN A 212 -16.50 -2.01 4.47
CA GLN A 212 -17.68 -2.74 3.98
C GLN A 212 -18.33 -2.11 2.76
N PHE A 213 -18.08 -0.84 2.47
CA PHE A 213 -18.79 -0.16 1.37
C PHE A 213 -17.87 0.22 0.23
N ILE A 214 -16.76 -0.50 0.04
CA ILE A 214 -15.87 -0.21 -1.06
C ILE A 214 -16.57 -0.58 -2.36
N GLY A 215 -16.48 0.31 -3.36
CA GLY A 215 -17.23 0.13 -4.59
C GLY A 215 -16.58 -0.74 -5.64
N TYR A 216 -15.89 -1.80 -5.21
CA TYR A 216 -15.20 -2.75 -6.07
C TYR A 216 -15.19 -4.10 -5.37
N PRO A 217 -15.18 -5.20 -6.11
CA PRO A 217 -15.13 -6.52 -5.48
C PRO A 217 -13.81 -6.73 -4.74
N ILE A 218 -13.91 -7.25 -3.51
CA ILE A 218 -12.77 -7.62 -2.67
C ILE A 218 -12.87 -9.12 -2.43
N THR A 219 -11.92 -9.88 -2.99
CA THR A 219 -11.92 -11.33 -2.82
C THR A 219 -10.87 -11.73 -1.80
N LEU A 220 -11.30 -12.30 -0.68
CA LEU A 220 -10.38 -12.84 0.31
C LEU A 220 -10.06 -14.28 -0.11
N PHE A 221 -8.84 -14.50 -0.58
CA PHE A 221 -8.36 -15.85 -0.88
C PHE A 221 -8.21 -16.65 0.41
N VAL A 222 -8.43 -17.95 0.32
CA VAL A 222 -8.36 -18.78 1.51
C VAL A 222 -7.05 -19.56 1.50
N GLU A 223 -6.51 -19.79 2.70
CA GLU A 223 -5.20 -20.45 2.98
C GLU A 223 -4.02 -19.46 2.98
C02 A1AG2 B . 2.82 5.70 -0.90
C03 A1AG2 B . 4.19 5.50 -1.00
C04 A1AG2 B . 4.70 4.27 -1.54
C05 A1AG2 B . 3.84 3.29 -1.98
C07 A1AG2 B . 5.92 2.49 -2.25
C09 A1AG2 B . 2.45 3.48 -1.88
C10 A1AG2 B . 1.97 4.67 -1.35
C12 A1AG2 B . -0.44 4.20 -2.84
C14 A1AG2 B . -1.30 2.95 -4.36
C15 A1AG2 B . -1.88 1.94 -5.16
C18 A1AG2 B . -1.58 3.30 -7.02
C20 A1AG2 B . -0.87 4.09 -4.97
C22 A1AG2 B . 0.24 6.18 -4.15
C23 A1AG2 B . -0.86 7.33 -4.24
C24 A1AG2 B . -1.46 7.50 -2.94
C25 A1AG2 B . -2.22 8.73 -2.80
C26 A1AG2 B . -1.45 9.99 -3.27
C28 A1AG2 B . -0.28 11.03 -5.07
C29 A1AG2 B . 0.05 10.88 -6.55
C30 A1AG2 B . 1.33 11.12 -7.06
C31 A1AG2 B . 1.59 10.96 -8.41
C32 A1AG2 B . 0.57 10.59 -9.25
C34 A1AG2 B . -0.68 10.35 -8.77
C35 A1AG2 B . -1.78 9.95 -9.75
C37 A1AG2 B . -0.95 10.51 -7.42
C39 A1AG2 B . -0.21 8.64 -4.78
F33 A1AG2 B . 0.77 10.42 -10.59
I01 A1AG2 B . 2.07 7.52 -0.12
N13 A1AG2 B . -1.01 3.01 -3.04
N16 A1AG2 B . -2.34 0.71 -4.55
N17 A1AG2 B . -2.00 2.17 -6.46
N19 A1AG2 B . -1.01 4.25 -6.31
N21 A1AG2 B . -0.34 4.86 -3.99
N27 A1AG2 B . -1.00 9.83 -4.63
O06 A1AG2 B . 4.57 2.19 -2.46
O08 A1AG2 B . 6.01 3.80 -1.76
O38 A1AG2 B . -2.22 10.28 -6.91
S11 A1AG2 B . 0.17 4.84 -1.27
MG MG C . 10.76 9.99 0.27
#